data_6AZD
#
_entry.id   6AZD
#
_cell.length_a   49.410
_cell.length_b   52.650
_cell.length_c   52.300
_cell.angle_alpha   90.000
_cell.angle_beta   95.510
_cell.angle_gamma   90.000
#
_symmetry.space_group_name_H-M   'P 1 21 1'
#
loop_
_entity.id
_entity.type
_entity.pdbx_description
1 polymer 'PpKAI2-like H'
2 water water
#
_entity_poly.entity_id   1
_entity_poly.type   'polypeptide(L)'
_entity_poly.pdbx_seq_one_letter_code
;GPMPSPLLSTHNVTVLGNRSDPVVVLGHGLGTDQSVWKYTVPSLVNQNFQVVLYDTMGAGSTETSDFNFKRYSSLQGHVD
DLLAILDELEIENCVYVGHSMSGMIGVLASLERPDLFRKLILLSASPRYLNDSSYYGGFEQEDLDQLFSSMRSNFSAWVS
GFATAAVGTDIHDEAVQEFSSTFISMRPDVALRTSQFVFQSDFRSILSEVTVPCHIVQSRKDIAVPIEVAEYLRCNLGGW
TSVDILQTDGHLPQLSCPELVVPVLLHCIDS
;
_entity_poly.pdbx_strand_id   A
#
# COMPACT_ATOMS: atom_id res chain seq x y z
N SER A 5 13.34 -19.95 -0.90
CA SER A 5 13.82 -19.54 0.42
C SER A 5 14.63 -18.23 0.40
N PRO A 6 15.55 -18.05 -0.57
CA PRO A 6 16.17 -16.73 -0.71
C PRO A 6 15.18 -15.65 -1.13
N LEU A 7 14.19 -16.00 -1.96
CA LEU A 7 13.14 -15.04 -2.29
C LEU A 7 12.33 -14.65 -1.05
N LEU A 8 12.03 -15.62 -0.18
CA LEU A 8 11.22 -15.33 0.99
C LEU A 8 12.02 -14.59 2.06
N SER A 9 13.31 -14.92 2.21
CA SER A 9 14.16 -14.15 3.11
C SER A 9 14.36 -12.74 2.61
N THR A 10 14.59 -12.59 1.30
CA THR A 10 14.84 -11.29 0.71
C THR A 10 13.70 -10.30 0.99
N HIS A 11 12.46 -10.78 1.04
CA HIS A 11 11.32 -9.91 1.26
C HIS A 11 10.79 -10.00 2.69
N ASN A 12 11.53 -10.66 3.59
CA ASN A 12 11.16 -10.76 5.01
C ASN A 12 9.78 -11.37 5.19
N VAL A 13 9.47 -12.38 4.36
CA VAL A 13 8.13 -12.95 4.35
C VAL A 13 7.85 -13.64 5.68
N THR A 14 6.69 -13.34 6.25
CA THR A 14 6.26 -13.88 7.53
C THR A 14 4.86 -14.46 7.36
N VAL A 15 4.66 -15.70 7.82
CA VAL A 15 3.37 -16.37 7.71
C VAL A 15 2.91 -16.72 9.11
N LEU A 16 1.69 -16.28 9.45
CA LEU A 16 1.12 -16.45 10.80
C LEU A 16 -0.29 -17.01 10.68
N GLY A 17 -0.65 -17.86 11.64
CA GLY A 17 -1.94 -18.49 11.65
C GLY A 17 -1.84 -19.98 11.35
N ASN A 18 -3.01 -20.61 11.22
CA ASN A 18 -3.05 -22.03 10.94
C ASN A 18 -2.82 -22.28 9.45
N ARG A 19 -2.07 -23.36 9.16
CA ARG A 19 -1.73 -23.71 7.79
C ARG A 19 -2.95 -23.93 6.91
N SER A 20 -4.09 -24.31 7.48
CA SER A 20 -5.28 -24.67 6.72
C SER A 20 -6.31 -23.55 6.66
N ASP A 21 -6.01 -22.36 7.16
CA ASP A 21 -6.99 -21.28 7.23
C ASP A 21 -6.87 -20.38 6.00
N PRO A 22 -7.94 -19.64 5.67
CA PRO A 22 -7.91 -18.80 4.46
C PRO A 22 -6.80 -17.76 4.55
N VAL A 23 -6.14 -17.54 3.41
CA VAL A 23 -4.91 -16.75 3.37
C VAL A 23 -5.25 -15.29 3.08
N VAL A 24 -4.65 -14.39 3.85
CA VAL A 24 -4.71 -12.96 3.61
C VAL A 24 -3.28 -12.46 3.46
N VAL A 25 -2.99 -11.79 2.35
CA VAL A 25 -1.69 -11.19 2.09
C VAL A 25 -1.82 -9.69 2.27
N LEU A 26 -0.85 -9.10 2.99
CA LEU A 26 -0.88 -7.69 3.39
C LEU A 26 0.34 -7.00 2.81
N GLY A 27 0.12 -6.02 1.93
CA GLY A 27 1.19 -5.23 1.35
C GLY A 27 1.18 -3.85 1.97
N HIS A 28 2.35 -3.22 2.02
CA HIS A 28 2.51 -1.93 2.68
C HIS A 28 2.84 -0.84 1.68
N GLY A 29 2.69 0.41 2.13
CA GLY A 29 2.91 1.56 1.28
C GLY A 29 4.36 2.06 1.30
N LEU A 30 4.60 3.10 0.52
CA LEU A 30 5.93 3.70 0.44
C LEU A 30 6.32 4.31 1.78
N GLY A 31 7.56 4.05 2.20
CA GLY A 31 8.07 4.63 3.42
C GLY A 31 7.86 3.79 4.67
N THR A 32 7.00 2.78 4.62
CA THR A 32 6.80 1.90 5.76
C THR A 32 7.24 0.49 5.38
N ASP A 33 6.92 -0.47 6.23
CA ASP A 33 7.14 -1.88 5.94
C ASP A 33 5.99 -2.66 6.58
N GLN A 34 6.16 -3.97 6.73
CA GLN A 34 5.08 -4.80 7.24
C GLN A 34 4.75 -4.46 8.68
N SER A 35 5.61 -3.74 9.39
CA SER A 35 5.29 -3.32 10.76
C SER A 35 4.14 -2.34 10.80
N VAL A 36 3.77 -1.73 9.67
CA VAL A 36 2.56 -0.93 9.61
C VAL A 36 1.34 -1.74 10.00
N TRP A 37 1.40 -3.07 9.84
CA TRP A 37 0.30 -3.95 10.20
C TRP A 37 0.39 -4.46 11.63
N LYS A 38 1.27 -3.87 12.45
CA LYS A 38 1.50 -4.36 13.80
C LYS A 38 0.22 -4.47 14.62
N TYR A 39 -0.74 -3.57 14.41
CA TYR A 39 -1.96 -3.58 15.21
C TYR A 39 -3.12 -4.29 14.55
N THR A 40 -2.93 -4.75 13.32
CA THR A 40 -3.96 -5.44 12.56
C THR A 40 -3.78 -6.95 12.58
N VAL A 41 -2.54 -7.42 12.54
CA VAL A 41 -2.29 -8.85 12.32
C VAL A 41 -2.85 -9.74 13.44
N PRO A 42 -2.64 -9.43 14.72
CA PRO A 42 -3.17 -10.34 15.77
C PRO A 42 -4.68 -10.51 15.71
N SER A 43 -5.43 -9.50 15.27
CA SER A 43 -6.86 -9.67 15.09
C SER A 43 -7.16 -10.62 13.95
N LEU A 44 -6.36 -10.57 12.87
CA LEU A 44 -6.56 -11.48 11.76
C LEU A 44 -6.28 -12.92 12.16
N VAL A 45 -5.23 -13.14 12.94
CA VAL A 45 -4.89 -14.48 13.40
C VAL A 45 -5.98 -15.02 14.32
N ASN A 46 -6.43 -14.20 15.27
CA ASN A 46 -7.46 -14.65 16.20
C ASN A 46 -8.82 -14.83 15.53
N GLN A 47 -8.98 -14.35 14.30
CA GLN A 47 -10.17 -14.58 13.50
C GLN A 47 -10.01 -15.76 12.57
N ASN A 48 -8.95 -16.55 12.74
CA ASN A 48 -8.73 -17.80 12.00
C ASN A 48 -8.44 -17.53 10.52
N PHE A 49 -7.65 -16.49 10.25
CA PHE A 49 -7.06 -16.26 8.94
C PHE A 49 -5.57 -16.55 9.01
N GLN A 50 -5.01 -16.99 7.88
CA GLN A 50 -3.57 -17.19 7.75
C GLN A 50 -2.99 -15.95 7.07
N VAL A 51 -2.07 -15.28 7.77
CA VAL A 51 -1.63 -13.95 7.40
C VAL A 51 -0.24 -14.05 6.79
N VAL A 52 -0.09 -13.54 5.57
CA VAL A 52 1.20 -13.44 4.90
C VAL A 52 1.60 -11.98 4.90
N LEU A 53 2.77 -11.69 5.47
CA LEU A 53 3.35 -10.36 5.43
C LEU A 53 4.64 -10.41 4.63
N TYR A 54 4.94 -9.31 3.94
CA TYR A 54 6.16 -9.21 3.15
C TYR A 54 6.51 -7.74 3.01
N ASP A 55 7.77 -7.49 2.71
CA ASP A 55 8.27 -6.14 2.46
C ASP A 55 8.58 -6.01 0.97
N THR A 56 8.12 -4.91 0.37
CA THR A 56 8.46 -4.64 -1.01
C THR A 56 9.93 -4.27 -1.11
N MET A 57 10.54 -4.65 -2.23
CA MET A 57 11.97 -4.38 -2.40
C MET A 57 12.22 -2.88 -2.40
N GLY A 58 13.22 -2.45 -1.66
CA GLY A 58 13.52 -1.05 -1.47
C GLY A 58 13.12 -0.53 -0.11
N ALA A 59 12.29 -1.25 0.63
CA ALA A 59 11.98 -0.83 1.98
C ALA A 59 13.24 -0.85 2.84
N GLY A 60 13.22 -0.10 3.95
CA GLY A 60 14.40 0.02 4.78
C GLY A 60 14.80 -1.28 5.44
N SER A 61 13.84 -2.16 5.69
CA SER A 61 14.07 -3.49 6.24
C SER A 61 14.57 -4.47 5.20
N THR A 62 14.78 -4.02 3.97
CA THR A 62 15.19 -4.84 2.84
C THR A 62 16.64 -4.49 2.48
N GLU A 63 17.39 -5.48 1.98
CA GLU A 63 18.78 -5.23 1.60
C GLU A 63 18.82 -4.62 0.20
N THR A 64 19.44 -3.43 0.10
CA THR A 64 19.36 -2.63 -1.11
C THR A 64 20.73 -2.12 -1.58
N SER A 65 21.81 -2.79 -1.19
CA SER A 65 23.14 -2.29 -1.51
C SER A 65 23.37 -2.19 -3.02
N ASP A 66 22.90 -3.18 -3.77
CA ASP A 66 22.92 -3.12 -5.23
C ASP A 66 21.49 -3.11 -5.76
N PHE A 67 20.74 -2.06 -5.42
CA PHE A 67 19.32 -2.00 -5.79
C PHE A 67 19.15 -1.95 -7.29
N ASN A 68 18.30 -2.83 -7.81
CA ASN A 68 18.02 -2.92 -9.24
C ASN A 68 17.04 -1.82 -9.63
N PHE A 69 17.58 -0.65 -9.98
CA PHE A 69 16.73 0.50 -10.30
C PHE A 69 15.94 0.27 -11.57
N LYS A 70 16.52 -0.42 -12.55
CA LYS A 70 15.81 -0.71 -13.78
C LYS A 70 14.59 -1.58 -13.53
N ARG A 71 14.80 -2.72 -12.85
CA ARG A 71 13.69 -3.63 -12.55
C ARG A 71 12.57 -2.94 -11.79
N TYR A 72 12.92 -1.98 -10.93
CA TYR A 72 11.95 -1.30 -10.08
C TYR A 72 11.71 0.13 -10.56
N SER A 73 11.86 0.38 -11.86
CA SER A 73 11.55 1.67 -12.44
C SER A 73 10.05 1.87 -12.66
N SER A 74 9.27 0.80 -12.60
CA SER A 74 7.83 0.85 -12.60
C SER A 74 7.34 -0.16 -11.58
N LEU A 75 6.02 -0.28 -11.44
CA LEU A 75 5.47 -1.26 -10.52
C LEU A 75 5.57 -2.68 -11.06
N GLN A 76 6.02 -2.88 -12.29
CA GLN A 76 6.08 -4.22 -12.85
C GLN A 76 7.03 -5.11 -12.06
N GLY A 77 8.18 -4.57 -11.65
CA GLY A 77 9.12 -5.36 -10.86
C GLY A 77 8.53 -5.77 -9.52
N HIS A 78 7.79 -4.86 -8.87
CA HIS A 78 7.14 -5.21 -7.62
C HIS A 78 6.02 -6.21 -7.83
N VAL A 79 5.29 -6.09 -8.95
CA VAL A 79 4.24 -7.05 -9.25
C VAL A 79 4.82 -8.43 -9.49
N ASP A 80 5.96 -8.50 -10.18
CA ASP A 80 6.61 -9.79 -10.40
C ASP A 80 7.14 -10.36 -9.08
N ASP A 81 7.62 -9.50 -8.18
CA ASP A 81 8.04 -9.96 -6.86
C ASP A 81 6.88 -10.55 -6.09
N LEU A 82 5.74 -9.86 -6.07
CA LEU A 82 4.58 -10.35 -5.34
C LEU A 82 4.08 -11.68 -5.92
N LEU A 83 4.06 -11.80 -7.24
CA LEU A 83 3.63 -13.05 -7.87
C LEU A 83 4.58 -14.20 -7.55
N ALA A 84 5.88 -13.91 -7.54
CA ALA A 84 6.86 -14.95 -7.22
C ALA A 84 6.72 -15.41 -5.78
N ILE A 85 6.34 -14.52 -4.87
CA ILE A 85 6.15 -14.90 -3.48
C ILE A 85 4.96 -15.84 -3.34
N LEU A 86 3.84 -15.49 -3.99
CA LEU A 86 2.64 -16.31 -3.88
C LEU A 86 2.89 -17.72 -4.40
N ASP A 87 3.64 -17.84 -5.50
CA ASP A 87 3.96 -19.17 -6.03
C ASP A 87 4.90 -19.93 -5.11
N GLU A 88 5.90 -19.23 -4.54
CA GLU A 88 6.85 -19.88 -3.66
C GLU A 88 6.18 -20.37 -2.37
N LEU A 89 5.08 -19.73 -1.98
CA LEU A 89 4.29 -20.19 -0.85
C LEU A 89 3.19 -21.16 -1.26
N GLU A 90 3.11 -21.49 -2.54
CA GLU A 90 2.12 -22.44 -3.05
C GLU A 90 0.70 -22.00 -2.69
N ILE A 91 0.46 -20.69 -2.76
CA ILE A 91 -0.85 -20.11 -2.49
C ILE A 91 -1.64 -20.15 -3.79
N GLU A 92 -2.69 -20.96 -3.81
CA GLU A 92 -3.54 -21.04 -4.99
C GLU A 92 -4.57 -19.93 -5.06
N ASN A 93 -4.85 -19.26 -3.94
CA ASN A 93 -5.88 -18.25 -3.89
C ASN A 93 -5.79 -17.51 -2.57
N CYS A 94 -6.05 -16.21 -2.60
CA CYS A 94 -5.85 -15.38 -1.41
C CYS A 94 -6.69 -14.11 -1.49
N VAL A 95 -6.84 -13.46 -0.35
CA VAL A 95 -7.28 -12.08 -0.27
C VAL A 95 -6.03 -11.20 -0.19
N TYR A 96 -5.97 -10.15 -1.00
CA TYR A 96 -4.82 -9.24 -0.98
C TYR A 96 -5.25 -7.88 -0.45
N VAL A 97 -4.61 -7.44 0.63
CA VAL A 97 -4.82 -6.11 1.19
C VAL A 97 -3.62 -5.25 0.83
N GLY A 98 -3.85 -4.21 0.05
CA GLY A 98 -2.77 -3.36 -0.40
C GLY A 98 -2.88 -1.95 0.13
N HIS A 99 -1.86 -1.50 0.84
CA HIS A 99 -1.84 -0.16 1.38
C HIS A 99 -1.10 0.77 0.44
N SER A 100 -1.71 1.92 0.14
CA SER A 100 -1.11 2.93 -0.71
C SER A 100 -0.63 2.34 -2.04
N MET A 101 0.65 2.47 -2.35
CA MET A 101 1.15 1.99 -3.63
C MET A 101 1.01 0.48 -3.78
N SER A 102 0.90 -0.27 -2.68
CA SER A 102 0.63 -1.69 -2.81
C SER A 102 -0.79 -1.95 -3.27
N GLY A 103 -1.66 -0.95 -3.21
CA GLY A 103 -2.97 -1.09 -3.81
C GLY A 103 -2.91 -1.30 -5.30
N MET A 104 -2.14 -0.47 -6.00
CA MET A 104 -2.01 -0.63 -7.45
C MET A 104 -1.22 -1.90 -7.79
N ILE A 105 -0.25 -2.28 -6.95
CA ILE A 105 0.47 -3.53 -7.17
C ILE A 105 -0.48 -4.71 -7.17
N GLY A 106 -1.39 -4.76 -6.20
CA GLY A 106 -2.38 -5.82 -6.17
C GLY A 106 -3.32 -5.79 -7.36
N VAL A 107 -3.77 -4.60 -7.75
CA VAL A 107 -4.59 -4.45 -8.95
C VAL A 107 -3.85 -5.00 -10.16
N LEU A 108 -2.60 -4.57 -10.36
CA LEU A 108 -1.82 -5.01 -11.51
C LEU A 108 -1.54 -6.50 -11.46
N ALA A 109 -1.26 -7.03 -10.27
CA ALA A 109 -1.03 -8.47 -10.16
C ALA A 109 -2.30 -9.25 -10.45
N SER A 110 -3.45 -8.71 -10.03
CA SER A 110 -4.71 -9.40 -10.31
C SER A 110 -5.05 -9.38 -11.80
N LEU A 111 -4.58 -8.36 -12.52
CA LEU A 111 -4.75 -8.36 -13.97
C LEU A 111 -3.93 -9.45 -14.65
N GLU A 112 -2.77 -9.79 -14.08
CA GLU A 112 -1.92 -10.83 -14.66
C GLU A 112 -2.30 -12.23 -14.20
N ARG A 113 -2.78 -12.39 -12.97
CA ARG A 113 -3.13 -13.70 -12.42
C ARG A 113 -4.42 -13.58 -11.60
N PRO A 114 -5.57 -13.37 -12.26
CA PRO A 114 -6.81 -13.18 -11.50
C PRO A 114 -7.23 -14.40 -10.70
N ASP A 115 -6.79 -15.60 -11.12
CA ASP A 115 -7.08 -16.81 -10.35
C ASP A 115 -6.53 -16.72 -8.93
N LEU A 116 -5.46 -15.94 -8.73
CA LEU A 116 -4.74 -15.88 -7.47
C LEU A 116 -5.45 -15.06 -6.41
N PHE A 117 -6.49 -14.30 -6.76
CA PHE A 117 -7.06 -13.31 -5.86
C PHE A 117 -8.57 -13.48 -5.79
N ARG A 118 -9.05 -13.97 -4.64
CA ARG A 118 -10.48 -13.92 -4.35
C ARG A 118 -10.98 -12.48 -4.33
N LYS A 119 -10.15 -11.56 -3.86
CA LYS A 119 -10.65 -10.28 -3.40
C LYS A 119 -9.47 -9.34 -3.20
N LEU A 120 -9.65 -8.11 -3.63
CA LEU A 120 -8.69 -7.04 -3.36
C LEU A 120 -9.29 -6.09 -2.34
N ILE A 121 -8.48 -5.67 -1.38
CA ILE A 121 -8.85 -4.61 -0.46
C ILE A 121 -7.81 -3.51 -0.59
N LEU A 122 -8.25 -2.36 -1.11
CA LEU A 122 -7.37 -1.22 -1.37
C LEU A 122 -7.51 -0.25 -0.21
N LEU A 123 -6.43 -0.07 0.56
CA LEU A 123 -6.41 0.84 1.69
C LEU A 123 -5.59 2.06 1.31
N SER A 124 -6.24 3.22 1.25
CA SER A 124 -5.58 4.49 0.91
C SER A 124 -4.89 4.42 -0.45
N ALA A 125 -5.56 3.81 -1.42
CA ALA A 125 -4.98 3.63 -2.75
C ALA A 125 -5.48 4.69 -3.72
N SER A 126 -4.67 4.95 -4.75
CA SER A 126 -5.00 5.96 -5.74
C SER A 126 -4.47 5.53 -7.11
N PRO A 127 -5.28 5.64 -8.17
CA PRO A 127 -4.78 5.33 -9.51
C PRO A 127 -4.02 6.47 -10.16
N ARG A 128 -4.12 7.68 -9.62
CA ARG A 128 -3.43 8.84 -10.15
C ARG A 128 -3.47 9.95 -9.12
N TYR A 129 -2.31 10.52 -8.80
CA TYR A 129 -2.25 11.59 -7.82
C TYR A 129 -2.37 12.96 -8.44
N LEU A 130 -1.97 13.11 -9.70
CA LEU A 130 -2.05 14.40 -10.35
C LEU A 130 -3.49 14.74 -10.71
N ASN A 131 -3.84 16.02 -10.58
CA ASN A 131 -5.12 16.48 -11.09
C ASN A 131 -5.15 16.35 -12.60
N ASP A 132 -6.37 16.37 -13.14
CA ASP A 132 -6.59 16.31 -14.58
C ASP A 132 -7.92 17.01 -14.85
N SER A 133 -8.32 17.03 -16.11
CA SER A 133 -9.64 17.56 -16.45
C SER A 133 -10.70 16.74 -15.72
N SER A 134 -11.40 17.35 -14.78
CA SER A 134 -12.48 16.73 -14.02
C SER A 134 -12.02 15.53 -13.20
N TYR A 135 -10.72 15.42 -12.95
CA TYR A 135 -10.19 14.43 -12.01
C TYR A 135 -9.38 15.18 -10.96
N TYR A 136 -9.78 15.06 -9.69
CA TYR A 136 -9.02 15.63 -8.59
C TYR A 136 -8.28 14.50 -7.87
N GLY A 137 -6.96 14.46 -8.03
CA GLY A 137 -6.13 13.47 -7.37
C GLY A 137 -5.39 14.06 -6.18
N GLY A 138 -5.36 15.39 -6.12
CA GLY A 138 -4.85 16.10 -4.97
C GLY A 138 -3.57 16.88 -5.21
N PHE A 139 -2.93 16.69 -6.36
CA PHE A 139 -1.60 17.27 -6.58
C PHE A 139 -1.52 17.88 -7.97
N GLU A 140 -0.75 18.95 -8.07
CA GLU A 140 -0.33 19.50 -9.35
C GLU A 140 1.16 19.26 -9.53
N GLN A 141 1.61 19.34 -10.79
CA GLN A 141 3.00 19.06 -11.11
C GLN A 141 3.96 19.95 -10.32
N GLU A 142 3.57 21.19 -10.02
CA GLU A 142 4.45 22.06 -9.24
C GLU A 142 4.62 21.56 -7.82
N ASP A 143 3.56 21.01 -7.23
CA ASP A 143 3.68 20.39 -5.91
C ASP A 143 4.64 19.21 -5.96
N LEU A 144 4.56 18.39 -7.02
CA LEU A 144 5.44 17.24 -7.13
C LEU A 144 6.89 17.67 -7.31
N ASP A 145 7.13 18.66 -8.17
CA ASP A 145 8.49 19.17 -8.38
C ASP A 145 9.09 19.64 -7.06
N GLN A 146 8.33 20.43 -6.29
CA GLN A 146 8.81 20.87 -4.98
C GLN A 146 8.98 19.68 -4.04
N LEU A 147 8.05 18.72 -4.09
CA LEU A 147 8.17 17.54 -3.24
C LEU A 147 9.47 16.79 -3.52
N PHE A 148 9.76 16.54 -4.80
CA PHE A 148 10.97 15.82 -5.16
C PHE A 148 12.21 16.60 -4.80
N SER A 149 12.20 17.92 -5.03
CA SER A 149 13.34 18.74 -4.67
C SER A 149 13.64 18.64 -3.18
N SER A 150 12.60 18.74 -2.34
CA SER A 150 12.80 18.64 -0.90
C SER A 150 13.31 17.26 -0.50
N MET A 151 12.90 16.21 -1.23
CA MET A 151 13.39 14.87 -0.93
C MET A 151 14.89 14.76 -1.19
N ARG A 152 15.35 15.30 -2.33
CA ARG A 152 16.77 15.24 -2.66
C ARG A 152 17.60 16.12 -1.74
N SER A 153 17.10 17.32 -1.41
CA SER A 153 17.92 18.29 -0.73
C SER A 153 18.09 17.95 0.74
N ASN A 154 17.03 17.50 1.40
CA ASN A 154 17.06 17.29 2.83
C ASN A 154 16.01 16.23 3.14
N PHE A 155 16.40 14.97 2.92
CA PHE A 155 15.47 13.85 3.02
C PHE A 155 14.89 13.71 4.42
N SER A 156 15.72 13.93 5.44
CA SER A 156 15.27 13.80 6.82
C SER A 156 14.24 14.87 7.16
N ALA A 157 14.50 16.13 6.75
CA ALA A 157 13.53 17.18 6.99
C ALA A 157 12.25 16.95 6.20
N TRP A 158 12.38 16.46 4.96
CA TRP A 158 11.18 16.14 4.18
C TRP A 158 10.38 15.03 4.85
N VAL A 159 11.06 13.99 5.34
CA VAL A 159 10.36 12.87 5.98
C VAL A 159 9.57 13.36 7.18
N SER A 160 10.20 14.20 8.01
CA SER A 160 9.54 14.66 9.22
C SER A 160 8.27 15.44 8.88
N GLY A 161 8.34 16.31 7.86
CA GLY A 161 7.15 17.07 7.49
C GLY A 161 6.10 16.20 6.82
N PHE A 162 6.51 15.30 5.94
CA PHE A 162 5.56 14.45 5.25
C PHE A 162 4.89 13.46 6.21
N ALA A 163 5.66 12.89 7.14
CA ALA A 163 5.10 11.91 8.06
C ALA A 163 4.07 12.54 8.98
N THR A 164 4.31 13.77 9.45
CA THR A 164 3.32 14.42 10.30
C THR A 164 2.04 14.70 9.52
N ALA A 165 2.17 15.08 8.25
CA ALA A 165 0.99 15.40 7.46
C ALA A 165 0.25 14.13 7.03
N ALA A 166 1.01 13.07 6.70
CA ALA A 166 0.37 11.85 6.24
C ALA A 166 -0.29 11.10 7.40
N VAL A 167 0.36 11.07 8.56
CA VAL A 167 -0.19 10.31 9.68
C VAL A 167 -1.48 10.95 10.17
N GLY A 168 -1.51 12.28 10.24
CA GLY A 168 -2.67 12.98 10.75
C GLY A 168 -2.72 12.92 12.26
N THR A 169 -3.91 12.75 12.83
CA THR A 169 -4.01 12.66 14.29
C THR A 169 -3.22 11.46 14.79
N ASP A 170 -2.49 11.69 15.88
CA ASP A 170 -1.57 10.72 16.47
C ASP A 170 -1.93 10.62 17.96
N ILE A 171 -3.11 10.08 18.24
CA ILE A 171 -3.67 10.17 19.60
C ILE A 171 -2.78 9.39 20.58
N HIS A 172 -2.38 8.19 20.21
CA HIS A 172 -1.45 7.45 21.04
C HIS A 172 -0.03 8.01 20.96
N ASP A 173 0.22 8.98 20.07
CA ASP A 173 1.45 9.77 20.07
C ASP A 173 2.69 8.91 19.78
N GLU A 174 2.61 8.11 18.72
CA GLU A 174 3.73 7.27 18.30
C GLU A 174 3.85 7.04 16.81
N ALA A 175 2.79 7.26 16.02
CA ALA A 175 2.81 6.82 14.63
C ALA A 175 3.69 7.73 13.76
N VAL A 176 3.73 9.02 14.07
CA VAL A 176 4.61 9.92 13.33
C VAL A 176 6.05 9.46 13.45
N GLN A 177 6.52 9.22 14.68
CA GLN A 177 7.89 8.75 14.84
C GLN A 177 8.08 7.37 14.21
N GLU A 178 7.06 6.51 14.31
CA GLU A 178 7.19 5.17 13.73
C GLU A 178 7.33 5.24 12.21
N PHE A 179 6.43 5.99 11.57
CA PHE A 179 6.49 6.16 10.12
C PHE A 179 7.77 6.87 9.71
N SER A 180 8.21 7.86 10.48
CA SER A 180 9.44 8.58 10.15
C SER A 180 10.65 7.66 10.20
N SER A 181 10.67 6.71 11.14
CA SER A 181 11.85 5.89 11.35
C SER A 181 12.02 4.86 10.23
N THR A 182 10.93 4.29 9.73
CA THR A 182 11.03 3.37 8.60
C THR A 182 11.37 4.13 7.33
N PHE A 183 10.81 5.33 7.16
CA PHE A 183 11.12 6.13 5.97
C PHE A 183 12.59 6.51 5.95
N ILE A 184 13.14 6.96 7.08
CA ILE A 184 14.53 7.40 7.10
C ILE A 184 15.51 6.23 6.97
N SER A 185 15.05 5.00 7.23
CA SER A 185 15.90 3.83 7.04
C SER A 185 16.05 3.43 5.58
N MET A 186 15.22 3.99 4.71
CA MET A 186 15.31 3.76 3.27
C MET A 186 16.51 4.49 2.68
N ARG A 187 16.98 3.97 1.55
CA ARG A 187 17.91 4.72 0.73
C ARG A 187 17.17 5.91 0.12
N PRO A 188 17.71 7.13 0.23
CA PRO A 188 16.98 8.29 -0.31
C PRO A 188 16.75 8.22 -1.80
N ASP A 189 17.69 7.65 -2.56
CA ASP A 189 17.49 7.55 -4.01
C ASP A 189 16.45 6.49 -4.37
N VAL A 190 16.38 5.39 -3.62
CA VAL A 190 15.28 4.44 -3.82
C VAL A 190 13.95 5.13 -3.56
N ALA A 191 13.86 5.89 -2.46
CA ALA A 191 12.62 6.59 -2.14
C ALA A 191 12.29 7.62 -3.21
N LEU A 192 13.29 8.37 -3.69
CA LEU A 192 13.05 9.37 -4.71
C LEU A 192 12.50 8.73 -5.98
N ARG A 193 13.21 7.74 -6.52
CA ARG A 193 12.81 7.15 -7.79
C ARG A 193 11.46 6.45 -7.68
N THR A 194 11.19 5.80 -6.55
CA THR A 194 9.88 5.20 -6.35
C THR A 194 8.80 6.27 -6.30
N SER A 195 9.06 7.36 -5.56
CA SER A 195 8.07 8.43 -5.47
C SER A 195 7.84 9.09 -6.83
N GLN A 196 8.91 9.29 -7.60
CA GLN A 196 8.77 9.94 -8.91
C GLN A 196 7.86 9.14 -9.83
N PHE A 197 7.98 7.82 -9.81
CA PHE A 197 7.08 7.01 -10.65
C PHE A 197 5.68 7.00 -10.07
N VAL A 198 5.56 6.77 -8.76
CA VAL A 198 4.25 6.58 -8.16
C VAL A 198 3.43 7.86 -8.23
N PHE A 199 4.00 8.98 -7.78
CA PHE A 199 3.26 10.24 -7.76
C PHE A 199 2.88 10.71 -9.15
N GLN A 200 3.61 10.29 -10.18
CA GLN A 200 3.32 10.69 -11.55
C GLN A 200 2.66 9.59 -12.37
N SER A 201 2.31 8.47 -11.74
CA SER A 201 1.68 7.36 -12.43
C SER A 201 0.23 7.72 -12.81
N ASP A 202 -0.33 6.90 -13.71
CA ASP A 202 -1.72 7.06 -14.13
C ASP A 202 -2.20 5.66 -14.54
N PHE A 203 -2.85 4.96 -13.62
CA PHE A 203 -3.40 3.64 -13.87
C PHE A 203 -4.92 3.67 -14.08
N ARG A 204 -5.46 4.84 -14.44
CA ARG A 204 -6.91 4.97 -14.54
C ARG A 204 -7.48 4.13 -15.67
N SER A 205 -6.74 4.01 -16.78
CA SER A 205 -7.28 3.33 -17.95
C SER A 205 -7.33 1.82 -17.80
N ILE A 206 -6.50 1.23 -16.93
CA ILE A 206 -6.55 -0.21 -16.73
C ILE A 206 -7.53 -0.63 -15.64
N LEU A 207 -8.16 0.32 -14.95
CA LEU A 207 -9.09 -0.01 -13.87
C LEU A 207 -10.24 -0.87 -14.38
N SER A 208 -10.77 -0.54 -15.55
CA SER A 208 -11.88 -1.32 -16.12
C SER A 208 -11.48 -2.75 -16.41
N GLU A 209 -10.18 -3.04 -16.57
CA GLU A 209 -9.74 -4.41 -16.80
C GLU A 209 -9.85 -5.27 -15.55
N VAL A 210 -9.96 -4.67 -14.37
CA VAL A 210 -10.02 -5.44 -13.14
C VAL A 210 -11.30 -6.25 -13.11
N THR A 211 -11.19 -7.52 -12.77
CA THR A 211 -12.34 -8.42 -12.71
C THR A 211 -12.63 -8.95 -11.31
N VAL A 212 -11.68 -8.88 -10.39
CA VAL A 212 -11.86 -9.43 -9.04
C VAL A 212 -12.59 -8.40 -8.17
N PRO A 213 -13.36 -8.82 -7.18
CA PRO A 213 -14.06 -7.86 -6.31
C PRO A 213 -13.07 -7.01 -5.52
N CYS A 214 -13.42 -5.73 -5.34
CA CYS A 214 -12.52 -4.77 -4.69
C CYS A 214 -13.28 -4.04 -3.59
N HIS A 215 -12.78 -4.15 -2.36
CA HIS A 215 -13.20 -3.30 -1.26
C HIS A 215 -12.29 -2.08 -1.20
N ILE A 216 -12.88 -0.89 -1.25
CA ILE A 216 -12.12 0.36 -1.23
C ILE A 216 -12.28 0.99 0.15
N VAL A 217 -11.17 1.15 0.86
CA VAL A 217 -11.16 1.66 2.23
C VAL A 217 -10.16 2.80 2.31
N GLN A 218 -10.56 3.89 2.97
CA GLN A 218 -9.65 5.01 3.15
C GLN A 218 -10.23 5.95 4.19
N SER A 219 -9.35 6.74 4.79
CA SER A 219 -9.78 7.73 5.76
C SER A 219 -10.67 8.78 5.08
N ARG A 220 -11.48 9.44 5.91
CA ARG A 220 -12.31 10.55 5.44
C ARG A 220 -11.47 11.75 5.03
N LYS A 221 -10.36 11.99 5.72
CA LYS A 221 -9.42 13.06 5.41
C LYS A 221 -8.04 12.44 5.22
N ASP A 222 -7.46 12.60 4.05
CA ASP A 222 -6.15 12.00 3.74
C ASP A 222 -5.46 12.93 2.75
N ILE A 223 -4.41 13.62 3.21
CA ILE A 223 -3.72 14.63 2.41
C ILE A 223 -3.27 14.09 1.06
N ALA A 224 -3.09 12.77 0.94
CA ALA A 224 -2.60 12.19 -0.31
C ALA A 224 -3.68 11.50 -1.13
N VAL A 225 -4.85 11.26 -0.56
CA VAL A 225 -5.90 10.55 -1.28
C VAL A 225 -7.23 11.25 -1.01
N PRO A 226 -7.65 12.17 -1.87
CA PRO A 226 -8.95 12.81 -1.68
C PRO A 226 -10.07 11.78 -1.71
N ILE A 227 -11.14 12.07 -0.96
CA ILE A 227 -12.29 11.18 -0.91
C ILE A 227 -12.84 10.91 -2.30
N GLU A 228 -12.70 11.88 -3.22
CA GLU A 228 -13.13 11.70 -4.60
C GLU A 228 -12.41 10.55 -5.28
N VAL A 229 -11.22 10.19 -4.82
CA VAL A 229 -10.50 9.08 -5.44
C VAL A 229 -11.17 7.76 -5.09
N ALA A 230 -11.71 7.62 -3.88
CA ALA A 230 -12.42 6.39 -3.53
C ALA A 230 -13.68 6.22 -4.36
N GLU A 231 -14.44 7.29 -4.55
CA GLU A 231 -15.61 7.22 -5.41
C GLU A 231 -15.22 6.89 -6.84
N TYR A 232 -14.09 7.42 -7.30
CA TYR A 232 -13.65 7.17 -8.67
C TYR A 232 -13.31 5.69 -8.87
N LEU A 233 -12.60 5.09 -7.92
CA LEU A 233 -12.30 3.67 -8.03
C LEU A 233 -13.57 2.83 -7.97
N ARG A 234 -14.54 3.25 -7.15
CA ARG A 234 -15.80 2.53 -7.07
C ARG A 234 -16.50 2.46 -8.41
N CYS A 235 -16.45 3.56 -9.18
CA CYS A 235 -17.16 3.65 -10.46
C CYS A 235 -16.36 3.17 -11.65
N ASN A 236 -15.06 2.92 -11.49
CA ASN A 236 -14.22 2.62 -12.63
C ASN A 236 -13.53 1.26 -12.58
N LEU A 237 -13.43 0.62 -11.42
CA LEU A 237 -12.96 -0.75 -11.37
C LEU A 237 -13.97 -1.64 -12.08
N GLY A 238 -13.46 -2.60 -12.86
CA GLY A 238 -14.32 -3.35 -13.76
C GLY A 238 -15.23 -4.35 -13.09
N GLY A 239 -14.99 -4.67 -11.81
CA GLY A 239 -15.74 -5.70 -11.13
C GLY A 239 -16.61 -5.16 -10.03
N TRP A 240 -17.02 -6.06 -9.13
CA TRP A 240 -17.77 -5.65 -7.95
C TRP A 240 -16.91 -4.74 -7.09
N THR A 241 -17.51 -3.67 -6.59
CA THR A 241 -16.80 -2.73 -5.74
C THR A 241 -17.68 -2.34 -4.55
N SER A 242 -17.02 -1.88 -3.49
CA SER A 242 -17.70 -1.26 -2.36
C SER A 242 -16.73 -0.32 -1.70
N VAL A 243 -17.26 0.70 -1.03
CA VAL A 243 -16.46 1.72 -0.37
C VAL A 243 -16.81 1.74 1.11
N ASP A 244 -15.78 1.68 1.96
CA ASP A 244 -15.92 1.93 3.40
C ASP A 244 -15.03 3.12 3.73
N ILE A 245 -15.63 4.19 4.25
CA ILE A 245 -14.89 5.38 4.63
C ILE A 245 -14.67 5.36 6.13
N LEU A 246 -13.40 5.40 6.53
CA LEU A 246 -13.04 5.41 7.94
C LEU A 246 -13.26 6.79 8.54
N GLN A 247 -13.80 6.83 9.75
CA GLN A 247 -14.10 8.08 10.43
C GLN A 247 -12.83 8.62 11.11
N THR A 248 -11.78 8.75 10.31
CA THR A 248 -10.47 9.19 10.79
C THR A 248 -9.85 10.13 9.77
N ASP A 249 -8.69 10.65 10.12
CA ASP A 249 -7.83 11.38 9.21
C ASP A 249 -6.45 10.72 9.24
N GLY A 250 -5.86 10.54 8.08
CA GLY A 250 -4.52 10.00 7.99
C GLY A 250 -4.37 8.97 6.89
N HIS A 251 -3.14 8.84 6.39
CA HIS A 251 -2.83 7.93 5.29
C HIS A 251 -2.44 6.55 5.77
N LEU A 252 -2.14 6.38 7.06
CA LEU A 252 -1.80 5.09 7.63
C LEU A 252 -2.73 4.84 8.81
N PRO A 253 -4.03 4.69 8.56
CA PRO A 253 -4.97 4.57 9.69
C PRO A 253 -4.83 3.27 10.44
N GLN A 254 -4.38 2.20 9.79
CA GLN A 254 -4.18 0.95 10.51
C GLN A 254 -3.11 1.10 11.59
N LEU A 255 -2.18 2.04 11.41
CA LEU A 255 -1.16 2.29 12.41
C LEU A 255 -1.61 3.32 13.45
N SER A 256 -2.28 4.39 13.03
CA SER A 256 -2.59 5.48 13.94
C SER A 256 -3.97 5.37 14.57
N CYS A 257 -4.90 4.64 13.95
CA CYS A 257 -6.24 4.46 14.52
C CYS A 257 -6.73 3.05 14.23
N PRO A 258 -6.01 2.03 14.69
CA PRO A 258 -6.40 0.65 14.34
C PRO A 258 -7.75 0.24 14.87
N GLU A 259 -8.18 0.84 15.98
CA GLU A 259 -9.46 0.45 16.57
C GLU A 259 -10.63 0.75 15.66
N LEU A 260 -10.48 1.72 14.75
CA LEU A 260 -11.52 2.02 13.78
C LEU A 260 -11.29 1.34 12.43
N VAL A 261 -10.09 0.83 12.18
CA VAL A 261 -9.75 0.21 10.91
C VAL A 261 -9.92 -1.29 10.96
N VAL A 262 -9.46 -1.92 12.04
CA VAL A 262 -9.50 -3.39 12.13
C VAL A 262 -10.90 -3.96 11.91
N PRO A 263 -11.95 -3.46 12.58
CA PRO A 263 -13.29 -4.03 12.31
C PRO A 263 -13.68 -3.95 10.85
N VAL A 264 -13.37 -2.84 10.19
CA VAL A 264 -13.68 -2.69 8.77
C VAL A 264 -12.87 -3.68 7.94
N LEU A 265 -11.59 -3.85 8.27
CA LEU A 265 -10.76 -4.79 7.52
C LEU A 265 -11.23 -6.22 7.73
N LEU A 266 -11.65 -6.55 8.96
CA LEU A 266 -12.18 -7.88 9.21
C LEU A 266 -13.43 -8.15 8.38
N HIS A 267 -14.33 -7.17 8.31
CA HIS A 267 -15.54 -7.36 7.52
C HIS A 267 -15.22 -7.57 6.05
N CYS A 268 -14.28 -6.78 5.52
CA CYS A 268 -13.99 -6.85 4.09
C CYS A 268 -13.39 -8.19 3.70
N ILE A 269 -12.48 -8.72 4.53
CA ILE A 269 -11.84 -9.99 4.19
C ILE A 269 -12.87 -11.12 4.15
N ASP A 270 -13.80 -11.12 5.11
CA ASP A 270 -14.81 -12.18 5.17
C ASP A 270 -16.02 -11.83 4.31
#